data_7XUB
#
_entry.id   7XUB
#
_cell.length_a   56.571
_cell.length_b   77.464
_cell.length_c   68.111
_cell.angle_alpha   90.000
_cell.angle_beta   90.435
_cell.angle_gamma   90.000
#
_symmetry.space_group_name_H-M   'P 1 21 1'
#
loop_
_entity.id
_entity.type
_entity.pdbx_description
1 polymer 'Histone-lysine N-methyltransferase EHMT2'
2 non-polymer 'ZINC ION'
3 non-polymer SINEFUNGIN
4 non-polymer ~{N}-[(1~{S})-1-(1~{H}-benzimidazol-2-yl)pentyl]-3,6,6-trimethyl-4-oxidanylidene-5,7-dihydro-1~{H}-indole-2-carboxamide
5 non-polymer 1,2-ETHANEDIOL
6 non-polymer 2-AMINO-2-HYDROXYMETHYL-PROPANE-1,3-DIOL
7 water water
#
_entity_poly.entity_id   1
_entity_poly.type   'polypeptide(L)'
_entity_poly.pdbx_seq_one_letter_code
;GSNRAIRTEKIICRDVARGYENVPIPCVNGVDGEPCPEDYKYISENCETSTMNIDRNITHLQHCTCVDDCSSSNCLCGQL
SIRCWYDKDGRLLQEFNKIEPPLIFECNQACSCWRNCKNRVVQSGIKVRLQLYRTAKMGWGVRALQTIPQGTFICEYVGE
LISDAEADVREDDSYLFDLDNKDGEVYCIDARYYGNISRFINHLCDPNIIPVRVFMLHQDLRFPRIAFFSSRDIRTGEEL
GFDYGDRFWDIKSKYFTCQCGSEKCKHSAEAIALEQSRLARLD
;
_entity_poly.pdbx_strand_id   A,B
#
loop_
_chem_comp.id
_chem_comp.type
_chem_comp.name
_chem_comp.formula
EDO non-polymer 1,2-ETHANEDIOL 'C2 H6 O2'
I6L non-polymer ~{N}-[(1~{S})-1-(1~{H}-benzimidazol-2-yl)pentyl]-3,6,6-trimethyl-4-oxidanylidene-5,7-dihydro-1~{H}-indole-2-carboxamide 'C24 H30 N4 O2'
SFG non-polymer SINEFUNGIN 'C15 H23 N7 O5'
TRS non-polymer 2-AMINO-2-HYDROXYMETHYL-PROPANE-1,3-DIOL 'C4 H12 N O3 1'
ZN non-polymer 'ZINC ION' 'Zn 2'
#
# COMPACT_ATOMS: atom_id res chain seq x y z
N ILE A 6 17.13 13.42 39.08
CA ILE A 6 17.01 11.97 39.22
C ILE A 6 15.66 11.56 38.61
N ARG A 7 15.37 12.11 37.44
CA ARG A 7 14.12 11.84 36.76
C ARG A 7 14.20 10.49 36.03
N THR A 8 13.19 9.67 36.22
CA THR A 8 13.12 8.35 35.60
C THR A 8 12.48 8.44 34.22
N GLU A 9 12.81 7.48 33.37
CA GLU A 9 12.29 7.46 32.02
C GLU A 9 10.87 6.92 32.01
N LYS A 10 9.95 7.69 31.43
CA LYS A 10 8.56 7.28 31.28
C LYS A 10 8.29 6.85 29.84
N ILE A 11 7.45 5.83 29.67
CA ILE A 11 6.94 5.48 28.36
C ILE A 11 5.64 6.24 28.18
N ILE A 12 5.56 7.07 27.14
CA ILE A 12 4.42 7.96 26.99
C ILE A 12 3.62 7.64 25.74
N CYS A 13 4.10 6.72 24.91
CA CYS A 13 3.28 6.20 23.82
C CYS A 13 3.88 4.86 23.42
N ARG A 14 3.05 3.83 23.33
CA ARG A 14 3.58 2.54 22.95
C ARG A 14 3.81 2.43 21.44
N ASP A 15 3.19 3.28 20.62
CA ASP A 15 3.44 3.27 19.18
C ASP A 15 2.92 4.59 18.60
N VAL A 16 3.84 5.50 18.30
CA VAL A 16 3.42 6.76 17.67
C VAL A 16 2.87 6.54 16.27
N ALA A 17 3.08 5.36 15.68
CA ALA A 17 2.55 5.04 14.36
C ALA A 17 1.16 4.42 14.40
N ARG A 18 0.60 4.16 15.59
CA ARG A 18 -0.74 3.59 15.73
C ARG A 18 -0.90 2.32 14.91
N GLY A 19 0.18 1.53 14.83
CA GLY A 19 0.14 0.26 14.14
C GLY A 19 0.29 0.31 12.64
N TYR A 20 0.61 1.47 12.06
CA TYR A 20 0.75 1.56 10.61
C TYR A 20 2.08 1.03 10.09
N GLU A 21 3.08 0.86 10.94
CA GLU A 21 4.36 0.33 10.52
C GLU A 21 4.43 -1.15 10.83
N ASN A 22 5.46 -1.81 10.28
CA ASN A 22 5.64 -3.24 10.54
C ASN A 22 5.88 -3.50 12.00
N VAL A 23 6.43 -2.52 12.72
CA VAL A 23 6.80 -2.67 14.12
C VAL A 23 6.35 -1.42 14.87
N PRO A 24 6.06 -1.52 16.15
CA PRO A 24 5.72 -0.32 16.93
C PRO A 24 6.91 0.61 17.09
N ILE A 25 6.62 1.90 17.24
CA ILE A 25 7.69 2.87 17.48
C ILE A 25 7.36 3.63 18.75
N PRO A 26 7.83 3.16 19.90
CA PRO A 26 7.43 3.78 21.17
C PRO A 26 8.11 5.13 21.36
N CYS A 27 7.55 5.92 22.27
CA CYS A 27 8.12 7.20 22.66
C CYS A 27 8.33 7.22 24.16
N VAL A 28 9.55 7.59 24.59
CA VAL A 28 9.88 7.70 26.01
C VAL A 28 10.48 9.07 26.29
N ASN A 29 10.42 9.45 27.56
CA ASN A 29 11.01 10.71 28.01
C ASN A 29 11.56 10.49 29.42
N GLY A 30 12.85 10.74 29.58
CA GLY A 30 13.50 10.65 30.88
C GLY A 30 14.23 11.94 31.20
N VAL A 31 13.84 13.02 30.52
CA VAL A 31 14.58 14.28 30.50
C VAL A 31 13.75 15.42 31.08
N ASP A 32 12.49 15.54 30.65
CA ASP A 32 11.63 16.65 31.10
C ASP A 32 10.17 16.19 31.10
N GLY A 33 9.27 17.15 31.25
CA GLY A 33 7.83 16.96 31.27
C GLY A 33 7.14 17.06 29.94
N GLU A 34 7.87 17.18 28.84
CA GLU A 34 7.26 17.24 27.53
C GLU A 34 6.47 15.98 27.23
N PRO A 35 5.18 16.08 26.91
CA PRO A 35 4.39 14.88 26.61
C PRO A 35 4.65 14.41 25.19
N CYS A 36 4.05 13.28 24.86
CA CYS A 36 4.16 12.72 23.52
C CYS A 36 3.73 13.77 22.50
N PRO A 37 4.56 14.11 21.52
CA PRO A 37 4.19 15.17 20.58
C PRO A 37 2.95 14.76 19.79
N GLU A 38 1.97 15.66 19.76
CA GLU A 38 0.73 15.44 19.02
C GLU A 38 0.37 16.64 18.15
N ASP A 39 1.34 17.51 17.86
CA ASP A 39 1.11 18.68 17.03
CA ASP A 39 1.13 18.69 17.03
C ASP A 39 1.32 18.40 15.55
N TYR A 40 1.16 17.13 15.14
CA TYR A 40 1.29 16.70 13.76
C TYR A 40 0.44 15.44 13.62
N LYS A 41 0.20 15.02 12.39
CA LYS A 41 -0.52 13.77 12.15
C LYS A 41 0.50 12.75 11.65
N TYR A 42 0.65 11.64 12.38
CA TYR A 42 1.52 10.57 11.91
C TYR A 42 0.89 9.88 10.71
N ILE A 43 1.64 9.81 9.61
CA ILE A 43 1.28 9.03 8.43
C ILE A 43 2.45 8.13 8.06
N SER A 44 2.14 6.90 7.61
CA SER A 44 3.20 5.96 7.21
C SER A 44 3.60 6.09 5.75
N GLU A 45 2.81 6.78 4.92
CA GLU A 45 3.13 6.99 3.52
C GLU A 45 2.87 8.44 3.17
N ASN A 46 3.58 8.94 2.16
CA ASN A 46 3.45 10.32 1.71
C ASN A 46 2.00 10.67 1.40
N CYS A 47 1.61 11.90 1.71
CA CYS A 47 0.25 12.34 1.45
C CYS A 47 0.25 13.55 0.52
N GLU A 48 -0.95 13.87 0.05
CA GLU A 48 -1.20 15.02 -0.80
C GLU A 48 -2.27 15.88 -0.16
N THR A 49 -2.10 17.19 -0.19
CA THR A 49 -3.15 18.12 0.20
C THR A 49 -3.64 18.94 -0.97
N SER A 50 -3.13 18.67 -2.16
CA SER A 50 -3.54 19.32 -3.40
C SER A 50 -2.98 18.45 -4.52
N THR A 51 -3.56 18.58 -5.71
CA THR A 51 -3.27 17.63 -6.79
C THR A 51 -1.81 17.68 -7.24
N MET A 52 -1.07 16.60 -7.05
CA MET A 52 0.29 16.50 -7.58
C MET A 52 0.35 15.92 -8.99
N ASN A 53 -0.74 15.30 -9.47
CA ASN A 53 -0.80 14.63 -10.79
C ASN A 53 0.38 13.70 -11.01
N ILE A 54 0.64 12.86 -10.00
CA ILE A 54 1.71 11.87 -10.10
C ILE A 54 1.37 10.90 -11.22
N ASP A 55 2.34 10.64 -12.08
CA ASP A 55 2.15 9.69 -13.18
C ASP A 55 2.13 8.28 -12.61
N ARG A 56 0.94 7.69 -12.51
CA ARG A 56 0.79 6.31 -12.08
C ARG A 56 0.31 5.39 -13.21
N ASN A 57 0.49 5.79 -14.45
CA ASN A 57 0.15 4.93 -15.58
C ASN A 57 1.03 3.68 -15.57
N ILE A 58 0.43 2.51 -15.35
CA ILE A 58 1.19 1.27 -15.22
C ILE A 58 2.00 0.98 -16.49
N THR A 59 1.50 1.38 -17.66
CA THR A 59 2.26 1.15 -18.90
C THR A 59 3.49 2.04 -19.01
N HIS A 60 3.64 3.03 -18.15
CA HIS A 60 4.85 3.85 -18.17
C HIS A 60 5.94 3.27 -17.29
N LEU A 61 5.66 2.20 -16.56
CA LEU A 61 6.69 1.61 -15.70
C LEU A 61 7.70 0.87 -16.55
N GLN A 62 8.99 1.15 -16.31
CA GLN A 62 10.01 0.23 -16.77
C GLN A 62 10.10 -0.89 -15.75
N HIS A 63 10.28 -2.12 -16.24
CA HIS A 63 10.18 -3.29 -15.39
C HIS A 63 11.10 -4.37 -15.96
N CYS A 64 11.35 -5.39 -15.16
CA CYS A 64 12.24 -6.48 -15.55
C CYS A 64 11.43 -7.70 -15.96
N THR A 65 12.12 -8.68 -16.56
CA THR A 65 11.47 -9.91 -17.01
C THR A 65 12.02 -11.14 -16.29
N CYS A 66 12.55 -10.96 -15.09
CA CYS A 66 13.21 -12.01 -14.34
C CYS A 66 12.22 -13.05 -13.80
N VAL A 67 12.70 -14.29 -13.73
CA VAL A 67 12.02 -15.36 -13.02
C VAL A 67 12.73 -15.72 -11.71
N ASP A 68 14.03 -15.47 -11.59
CA ASP A 68 14.75 -15.71 -10.35
C ASP A 68 14.41 -14.63 -9.32
N ASP A 69 15.25 -14.50 -8.29
CA ASP A 69 15.05 -13.50 -7.25
C ASP A 69 15.60 -12.13 -7.63
N CYS A 70 15.76 -11.87 -8.93
CA CYS A 70 16.30 -10.61 -9.44
C CYS A 70 17.68 -10.30 -8.86
N SER A 71 18.54 -11.32 -8.76
CA SER A 71 19.92 -11.15 -8.32
C SER A 71 20.92 -11.20 -9.47
N SER A 72 20.45 -11.35 -10.71
CA SER A 72 21.34 -11.44 -11.86
C SER A 72 21.47 -10.07 -12.53
N SER A 73 22.50 -9.94 -13.36
CA SER A 73 22.73 -8.72 -14.11
C SER A 73 21.75 -8.54 -15.27
N ASN A 74 20.87 -9.52 -15.51
CA ASN A 74 19.85 -9.35 -16.53
C ASN A 74 18.68 -8.49 -16.05
N CYS A 75 18.55 -8.26 -14.74
CA CYS A 75 17.41 -7.54 -14.22
C CYS A 75 17.45 -6.07 -14.65
N LEU A 76 16.46 -5.66 -15.43
CA LEU A 76 16.44 -4.29 -15.94
C LEU A 76 16.36 -3.28 -14.80
N CYS A 77 15.59 -3.59 -13.76
CA CYS A 77 15.47 -2.67 -12.64
C CYS A 77 16.80 -2.43 -11.96
N GLY A 78 17.59 -3.49 -11.76
CA GLY A 78 18.98 -3.29 -11.36
C GLY A 78 19.74 -2.41 -12.33
N GLN A 79 19.56 -2.63 -13.64
CA GLN A 79 20.30 -1.86 -14.62
C GLN A 79 19.94 -0.39 -14.58
N LEU A 80 18.66 -0.06 -14.36
CA LEU A 80 18.23 1.33 -14.25
C LEU A 80 18.90 2.03 -13.09
N SER A 81 19.30 1.30 -12.06
CA SER A 81 20.03 1.84 -10.93
C SER A 81 21.54 1.72 -11.12
N ILE A 82 22.00 1.47 -12.35
CA ILE A 82 23.35 1.04 -12.72
C ILE A 82 23.48 -0.45 -12.41
N ARG A 83 23.26 -0.82 -11.16
CA ARG A 83 23.15 -2.22 -10.77
C ARG A 83 22.18 -2.31 -9.60
N CYS A 84 21.88 -3.52 -9.17
CA CYS A 84 21.15 -3.70 -7.93
C CYS A 84 22.14 -3.56 -6.78
N TRP A 85 21.89 -2.59 -5.90
CA TRP A 85 22.84 -2.29 -4.85
C TRP A 85 22.55 -3.01 -3.55
N TYR A 86 21.54 -3.87 -3.52
CA TYR A 86 21.21 -4.62 -2.32
C TYR A 86 21.92 -5.97 -2.36
N ASP A 87 22.53 -6.35 -1.25
CA ASP A 87 23.12 -7.67 -1.15
C ASP A 87 22.02 -8.66 -0.80
N LYS A 88 22.40 -9.92 -0.53
CA LYS A 88 21.44 -10.97 -0.24
C LYS A 88 20.63 -10.69 1.02
N ASP A 89 21.16 -9.87 1.92
CA ASP A 89 20.48 -9.53 3.16
C ASP A 89 19.60 -8.30 3.05
N GLY A 90 19.60 -7.63 1.91
CA GLY A 90 18.85 -6.41 1.73
C GLY A 90 19.59 -5.14 2.12
N ARG A 91 20.92 -5.16 2.11
CA ARG A 91 21.75 -4.04 2.52
C ARG A 91 22.43 -3.41 1.31
N LEU A 92 22.58 -2.09 1.35
CA LEU A 92 23.30 -1.39 0.30
C LEU A 92 24.77 -1.82 0.31
N LEU A 93 25.26 -2.26 -0.86
CA LEU A 93 26.63 -2.73 -1.05
C LEU A 93 27.65 -1.75 -0.47
N GLN A 94 28.85 -2.24 -0.13
CA GLN A 94 29.85 -1.36 0.44
C GLN A 94 30.32 -0.32 -0.57
N GLU A 95 30.54 -0.72 -1.83
CA GLU A 95 30.98 0.21 -2.86
C GLU A 95 29.88 1.18 -3.32
N PHE A 96 28.67 1.09 -2.75
CA PHE A 96 27.60 2.01 -3.10
C PHE A 96 28.02 3.45 -2.80
N ASN A 97 27.80 4.33 -3.77
CA ASN A 97 28.23 5.72 -3.66
C ASN A 97 27.44 6.41 -2.56
N LYS A 98 28.12 6.80 -1.48
CA LYS A 98 27.45 7.41 -0.34
C LYS A 98 27.41 8.93 -0.41
N ILE A 99 27.91 9.54 -1.49
CA ILE A 99 27.92 11.00 -1.62
C ILE A 99 26.81 11.45 -2.57
N GLU A 100 26.97 11.12 -3.85
CA GLU A 100 25.94 11.39 -4.85
C GLU A 100 25.31 10.06 -5.27
N PRO A 101 24.51 9.45 -4.40
CA PRO A 101 24.07 8.06 -4.65
C PRO A 101 23.27 7.99 -5.94
N PRO A 102 23.17 6.80 -6.54
CA PRO A 102 22.34 6.66 -7.73
C PRO A 102 20.89 6.55 -7.32
N LEU A 103 20.02 6.94 -8.23
CA LEU A 103 18.61 6.60 -8.04
C LEU A 103 18.51 5.09 -7.91
N ILE A 104 17.69 4.64 -6.98
CA ILE A 104 17.36 3.22 -6.86
C ILE A 104 16.00 2.99 -7.49
N PHE A 105 15.94 2.08 -8.46
CA PHE A 105 14.68 1.62 -9.03
C PHE A 105 14.43 0.21 -8.49
N GLU A 106 13.50 0.10 -7.56
CA GLU A 106 13.09 -1.20 -7.06
C GLU A 106 12.11 -1.84 -8.04
N CYS A 107 11.95 -3.15 -7.93
CA CYS A 107 10.96 -3.83 -8.76
C CYS A 107 9.55 -3.38 -8.36
N ASN A 108 8.60 -3.57 -9.27
CA ASN A 108 7.28 -2.96 -9.15
C ASN A 108 6.22 -3.95 -9.64
N GLN A 109 4.98 -3.48 -9.68
CA GLN A 109 3.85 -4.34 -10.03
C GLN A 109 3.83 -4.74 -11.51
N ALA A 110 4.67 -4.13 -12.34
CA ALA A 110 4.76 -4.50 -13.75
C ALA A 110 5.82 -5.55 -14.02
N CYS A 111 6.79 -5.70 -13.13
CA CYS A 111 7.80 -6.74 -13.28
C CYS A 111 7.17 -8.12 -13.23
N SER A 112 7.86 -9.08 -13.80
CA SER A 112 7.37 -10.45 -13.76
C SER A 112 7.84 -11.20 -12.52
N CYS A 113 8.76 -10.62 -11.76
CA CYS A 113 9.29 -11.30 -10.58
C CYS A 113 8.23 -11.34 -9.46
N TRP A 114 8.57 -12.03 -8.38
CA TRP A 114 7.66 -12.14 -7.25
C TRP A 114 7.89 -11.00 -6.27
N ARG A 115 6.84 -10.73 -5.47
CA ARG A 115 6.87 -9.67 -4.49
C ARG A 115 8.03 -9.82 -3.49
N ASN A 116 8.65 -11.00 -3.43
CA ASN A 116 9.73 -11.27 -2.48
C ASN A 116 11.11 -11.29 -3.14
N CYS A 117 11.27 -10.74 -4.35
CA CYS A 117 12.58 -10.73 -4.98
C CYS A 117 13.53 -9.82 -4.21
N LYS A 118 14.80 -9.81 -4.64
CA LYS A 118 15.84 -9.12 -3.88
C LYS A 118 15.84 -7.60 -4.10
N ASN A 119 14.96 -7.07 -4.94
CA ASN A 119 15.00 -5.66 -5.26
C ASN A 119 13.76 -4.95 -4.72
N ARG A 120 13.47 -5.14 -3.42
CA ARG A 120 12.23 -4.62 -2.86
C ARG A 120 12.40 -4.24 -1.38
N VAL A 121 13.55 -3.66 -1.04
CA VAL A 121 13.84 -3.43 0.38
C VAL A 121 12.98 -2.30 0.96
N VAL A 122 12.97 -1.15 0.29
CA VAL A 122 12.28 0.02 0.84
C VAL A 122 10.77 -0.18 0.83
N GLN A 123 10.25 -0.81 -0.22
CA GLN A 123 8.80 -0.99 -0.27
C GLN A 123 8.32 -2.00 0.75
N SER A 124 9.21 -2.77 1.37
CA SER A 124 8.81 -3.70 2.41
C SER A 124 8.77 -3.05 3.81
N GLY A 125 9.25 -1.82 3.96
CA GLY A 125 9.02 -1.05 5.17
C GLY A 125 10.02 -1.30 6.30
N ILE A 126 9.71 -0.69 7.44
CA ILE A 126 10.64 -0.68 8.58
C ILE A 126 10.77 -2.08 9.15
N LYS A 127 12.00 -2.51 9.38
CA LYS A 127 12.30 -3.76 10.05
C LYS A 127 13.12 -3.58 11.31
N VAL A 128 13.92 -2.52 11.42
CA VAL A 128 14.70 -2.32 12.64
C VAL A 128 13.82 -1.72 13.73
N ARG A 129 14.23 -1.92 14.97
CA ARG A 129 13.48 -1.42 16.11
C ARG A 129 14.01 -0.05 16.51
N LEU A 130 13.13 0.95 16.42
CA LEU A 130 13.46 2.36 16.65
C LEU A 130 12.69 2.88 17.87
N GLN A 131 13.22 3.96 18.47
CA GLN A 131 12.56 4.59 19.60
C GLN A 131 12.61 6.11 19.48
N LEU A 132 11.45 6.74 19.63
CA LEU A 132 11.38 8.20 19.77
C LEU A 132 11.65 8.56 21.23
N TYR A 133 12.66 9.41 21.48
CA TYR A 133 13.03 9.72 22.84
C TYR A 133 13.41 11.19 22.97
N ARG A 134 13.38 11.67 24.21
CA ARG A 134 13.70 13.05 24.51
C ARG A 134 15.21 13.19 24.69
N THR A 135 15.84 13.98 23.82
CA THR A 135 17.27 14.23 23.97
C THR A 135 17.51 15.28 25.05
N ALA A 136 18.80 15.50 25.36
CA ALA A 136 19.13 16.51 26.37
C ALA A 136 19.08 17.92 25.80
N LYS A 137 19.46 18.11 24.54
CA LYS A 137 19.65 19.44 24.01
C LYS A 137 18.97 19.71 22.67
N MET A 138 18.34 18.70 22.06
CA MET A 138 17.85 18.81 20.69
C MET A 138 16.37 18.49 20.56
N GLY A 139 15.61 18.59 21.66
CA GLY A 139 14.22 18.16 21.61
C GLY A 139 14.12 16.66 21.45
N TRP A 140 13.11 16.22 20.68
CA TRP A 140 12.95 14.81 20.39
C TRP A 140 14.00 14.33 19.40
N GLY A 141 14.39 13.06 19.54
CA GLY A 141 15.26 12.40 18.58
C GLY A 141 14.83 10.97 18.39
N VAL A 142 15.52 10.28 17.49
CA VAL A 142 15.26 8.86 17.22
C VAL A 142 16.54 8.07 17.49
N ARG A 143 16.43 6.98 18.24
CA ARG A 143 17.59 6.15 18.51
C ARG A 143 17.27 4.68 18.23
N ALA A 144 18.32 3.90 18.06
CA ALA A 144 18.21 2.49 17.76
C ALA A 144 18.05 1.66 19.03
N LEU A 145 17.17 0.66 18.97
CA LEU A 145 16.96 -0.27 20.07
C LEU A 145 17.69 -1.59 19.83
N GLN A 146 18.59 -1.63 18.85
CA GLN A 146 19.26 -2.85 18.44
C GLN A 146 20.47 -2.46 17.63
N THR A 147 21.40 -3.41 17.51
CA THR A 147 22.46 -3.24 16.53
C THR A 147 21.86 -3.16 15.13
N ILE A 148 22.36 -2.22 14.34
CA ILE A 148 21.95 -2.06 12.95
C ILE A 148 23.21 -2.08 12.09
N PRO A 149 23.46 -3.16 11.33
CA PRO A 149 24.66 -3.19 10.50
C PRO A 149 24.63 -2.10 9.44
N GLN A 150 25.80 -1.69 8.99
CA GLN A 150 25.91 -0.78 7.86
C GLN A 150 25.11 -1.29 6.67
N GLY A 151 24.44 -0.37 5.99
CA GLY A 151 23.70 -0.69 4.78
C GLY A 151 22.24 -1.02 4.99
N THR A 152 21.77 -1.06 6.24
CA THR A 152 20.39 -1.44 6.54
C THR A 152 19.44 -0.29 6.27
N PHE A 153 18.34 -0.60 5.59
CA PHE A 153 17.26 0.38 5.47
C PHE A 153 16.68 0.68 6.84
N ILE A 154 16.50 1.97 7.14
CA ILE A 154 16.01 2.36 8.47
C ILE A 154 14.55 2.74 8.36
N CYS A 155 14.26 3.80 7.61
CA CYS A 155 12.91 4.30 7.45
C CYS A 155 12.91 5.27 6.28
N GLU A 156 11.71 5.63 5.84
CA GLU A 156 11.48 6.58 4.76
C GLU A 156 11.17 7.96 5.33
N TYR A 157 11.63 9.02 4.65
CA TYR A 157 11.21 10.38 5.01
C TYR A 157 9.83 10.61 4.42
N VAL A 158 8.81 10.58 5.27
CA VAL A 158 7.41 10.64 4.85
C VAL A 158 6.81 11.98 5.27
N GLY A 159 6.00 12.55 4.39
CA GLY A 159 5.34 13.79 4.74
C GLY A 159 4.43 14.24 3.61
N GLU A 160 4.10 15.52 3.65
CA GLU A 160 3.18 16.11 2.70
C GLU A 160 3.97 16.58 1.48
N LEU A 161 3.55 16.13 0.29
CA LEU A 161 4.17 16.58 -0.94
C LEU A 161 3.69 17.98 -1.29
N ILE A 162 4.63 18.89 -1.53
CA ILE A 162 4.31 20.26 -1.86
C ILE A 162 5.28 20.74 -2.93
N SER A 163 4.84 21.75 -3.66
CA SER A 163 5.67 22.39 -4.67
C SER A 163 6.72 23.30 -4.03
N ASP A 164 7.69 23.70 -4.86
CA ASP A 164 8.68 24.70 -4.49
C ASP A 164 8.01 25.99 -4.04
N ALA A 165 7.04 26.47 -4.82
CA ALA A 165 6.38 27.72 -4.49
C ALA A 165 5.63 27.61 -3.16
N GLU A 166 5.02 26.45 -2.89
CA GLU A 166 4.36 26.24 -1.61
C GLU A 166 5.37 26.29 -0.47
N ALA A 167 6.50 25.61 -0.62
CA ALA A 167 7.55 25.66 0.38
C ALA A 167 8.00 27.11 0.65
N ASP A 168 8.08 27.92 -0.40
CA ASP A 168 8.52 29.30 -0.23
C ASP A 168 7.50 30.14 0.52
N VAL A 169 6.21 29.81 0.39
CA VAL A 169 5.19 30.50 1.17
C VAL A 169 5.31 30.12 2.65
N ARG A 170 5.58 28.85 2.94
CA ARG A 170 5.50 28.36 4.32
C ARG A 170 6.64 28.88 5.17
N GLU A 171 7.82 29.12 4.56
CA GLU A 171 8.97 29.69 5.25
C GLU A 171 9.28 28.97 6.57
N ASP A 172 9.16 27.66 6.56
CA ASP A 172 9.51 26.86 7.74
C ASP A 172 10.10 25.55 7.26
N ASP A 173 11.41 25.41 7.40
CA ASP A 173 12.08 24.22 6.90
C ASP A 173 12.56 23.30 8.02
N SER A 174 11.99 23.42 9.22
CA SER A 174 12.40 22.54 10.30
C SER A 174 12.10 21.08 9.99
N TYR A 175 11.09 20.83 9.15
CA TYR A 175 10.67 19.49 8.77
C TYR A 175 10.52 19.37 7.26
N LEU A 176 11.35 20.08 6.50
CA LEU A 176 11.22 20.16 5.05
C LEU A 176 12.39 19.42 4.41
N PHE A 177 12.07 18.44 3.56
CA PHE A 177 13.09 17.75 2.78
C PHE A 177 12.96 18.15 1.31
N ASP A 178 14.01 18.76 0.78
CA ASP A 178 14.10 19.15 -0.61
C ASP A 178 14.56 17.97 -1.46
N LEU A 179 13.71 17.51 -2.37
CA LEU A 179 14.07 16.38 -3.22
C LEU A 179 15.22 16.70 -4.17
N ASP A 180 15.47 17.98 -4.44
CA ASP A 180 16.66 18.45 -5.16
C ASP A 180 16.75 17.81 -6.55
N ASN A 181 15.65 17.86 -7.28
CA ASN A 181 15.62 17.36 -8.65
C ASN A 181 16.40 18.31 -9.55
N LYS A 182 17.58 17.86 -10.01
CA LYS A 182 18.48 18.73 -10.76
C LYS A 182 17.95 19.07 -12.15
N ASP A 183 16.98 18.32 -12.65
CA ASP A 183 16.52 18.51 -14.04
C ASP A 183 15.37 19.51 -14.11
N GLY A 184 14.17 19.09 -13.70
CA GLY A 184 12.98 19.89 -13.92
C GLY A 184 12.26 20.37 -12.67
N GLU A 185 10.98 20.01 -12.55
CA GLU A 185 10.12 20.56 -11.52
C GLU A 185 10.64 20.22 -10.13
N VAL A 186 10.51 21.17 -9.20
CA VAL A 186 11.04 21.04 -7.85
C VAL A 186 9.90 20.82 -6.89
N TYR A 187 9.95 19.71 -6.17
CA TYR A 187 8.98 19.39 -5.13
C TYR A 187 9.72 19.10 -3.84
N CYS A 188 8.98 19.19 -2.74
CA CYS A 188 9.51 18.98 -1.41
C CYS A 188 8.59 18.06 -0.65
N ILE A 189 9.15 17.45 0.38
CA ILE A 189 8.37 16.71 1.36
C ILE A 189 8.39 17.51 2.64
N ASP A 190 7.23 17.95 3.10
CA ASP A 190 7.11 18.76 4.29
C ASP A 190 6.42 17.91 5.35
N ALA A 191 7.16 17.54 6.40
CA ALA A 191 6.61 16.73 7.48
C ALA A 191 6.15 17.55 8.68
N ARG A 192 5.92 18.86 8.51
CA ARG A 192 5.49 19.70 9.63
C ARG A 192 4.13 19.27 10.17
N TYR A 193 3.14 19.15 9.28
CA TYR A 193 1.76 18.82 9.63
C TYR A 193 1.44 17.33 9.50
N TYR A 194 1.99 16.67 8.47
CA TYR A 194 1.83 15.22 8.26
C TYR A 194 3.22 14.62 8.10
N GLY A 195 3.55 13.62 8.91
CA GLY A 195 4.90 13.09 8.84
C GLY A 195 4.97 11.73 9.52
N ASN A 196 6.14 11.10 9.41
CA ASN A 196 6.38 9.84 10.08
C ASN A 196 7.56 10.00 11.02
N ILE A 197 8.12 8.88 11.48
CA ILE A 197 9.15 8.93 12.52
C ILE A 197 10.35 9.74 12.04
N SER A 198 10.60 9.78 10.73
CA SER A 198 11.75 10.51 10.20
C SER A 198 11.73 11.99 10.54
N ARG A 199 10.55 12.60 10.71
CA ARG A 199 10.52 14.02 11.02
C ARG A 199 11.28 14.33 12.31
N PHE A 200 11.47 13.33 13.17
CA PHE A 200 12.10 13.50 14.46
C PHE A 200 13.59 13.24 14.45
N ILE A 201 14.16 12.88 13.30
CA ILE A 201 15.58 12.55 13.21
C ILE A 201 16.40 13.82 13.17
N ASN A 202 17.32 13.97 14.11
CA ASN A 202 18.06 15.20 14.28
C ASN A 202 19.23 15.25 13.29
N HIS A 203 19.86 16.41 13.23
CA HIS A 203 21.07 16.58 12.44
C HIS A 203 22.29 16.20 13.26
N LEU A 204 23.17 15.41 12.67
CA LEU A 204 24.46 15.09 13.27
C LEU A 204 25.57 15.49 12.32
N CYS A 205 26.64 16.06 12.89
CA CYS A 205 27.85 16.36 12.13
C CYS A 205 28.67 15.11 11.89
N ASP A 206 28.48 14.08 12.71
CA ASP A 206 29.04 12.75 12.49
C ASP A 206 27.89 11.80 12.20
N PRO A 207 27.26 11.90 11.03
CA PRO A 207 26.00 11.19 10.81
C PRO A 207 26.21 9.69 10.60
N ASN A 208 25.16 8.94 10.89
CA ASN A 208 25.20 7.49 10.73
C ASN A 208 24.16 6.96 9.78
N ILE A 209 23.37 7.81 9.12
CA ILE A 209 22.46 7.40 8.06
C ILE A 209 22.57 8.37 6.91
N ILE A 210 22.17 7.92 5.72
CA ILE A 210 22.19 8.74 4.51
C ILE A 210 20.85 8.63 3.80
N PRO A 211 20.34 9.72 3.21
CA PRO A 211 19.13 9.63 2.39
C PRO A 211 19.46 9.17 0.98
N VAL A 212 18.55 8.38 0.40
CA VAL A 212 18.72 7.82 -0.94
C VAL A 212 17.39 7.94 -1.68
N ARG A 213 17.44 8.46 -2.91
CA ARG A 213 16.24 8.60 -3.71
C ARG A 213 15.89 7.26 -4.34
N VAL A 214 14.61 6.87 -4.22
CA VAL A 214 14.16 5.52 -4.60
C VAL A 214 12.83 5.65 -5.33
N PHE A 215 12.65 4.81 -6.36
CA PHE A 215 11.37 4.66 -7.03
C PHE A 215 10.85 3.26 -6.81
N MET A 216 9.53 3.14 -6.63
CA MET A 216 8.90 1.85 -6.33
C MET A 216 7.66 1.64 -7.20
N LEU A 217 6.48 2.07 -6.73
CA LEU A 217 5.25 1.75 -7.46
C LEU A 217 4.95 2.74 -8.59
N HIS A 218 5.70 3.84 -8.69
CA HIS A 218 5.62 4.75 -9.81
C HIS A 218 7.04 5.17 -10.16
N GLN A 219 7.23 5.71 -11.36
CA GLN A 219 8.53 6.22 -11.78
C GLN A 219 8.42 7.64 -12.30
N ASP A 220 7.51 8.42 -11.70
CA ASP A 220 7.44 9.85 -11.94
C ASP A 220 8.71 10.47 -11.37
N LEU A 221 9.65 10.84 -12.23
CA LEU A 221 10.95 11.31 -11.77
C LEU A 221 10.87 12.61 -10.97
N ARG A 222 9.72 13.27 -10.94
CA ARG A 222 9.59 14.46 -10.10
C ARG A 222 9.41 14.12 -8.63
N PHE A 223 9.04 12.88 -8.31
CA PHE A 223 8.67 12.50 -6.95
C PHE A 223 9.44 11.27 -6.50
N PRO A 224 10.76 11.33 -6.44
CA PRO A 224 11.50 10.26 -5.76
C PRO A 224 11.07 10.20 -4.30
N ARG A 225 11.12 8.99 -3.75
CA ARG A 225 10.90 8.81 -2.33
C ARG A 225 12.26 8.72 -1.64
N ILE A 226 12.32 9.18 -0.40
CA ILE A 226 13.58 9.32 0.32
C ILE A 226 13.73 8.18 1.31
N ALA A 227 14.75 7.35 1.12
CA ALA A 227 15.02 6.20 1.95
C ALA A 227 16.31 6.42 2.73
N PHE A 228 16.23 6.26 4.05
CA PHE A 228 17.41 6.34 4.90
C PHE A 228 18.03 4.97 5.09
N PHE A 229 19.34 4.89 4.87
CA PHE A 229 20.12 3.68 5.10
C PHE A 229 21.27 4.02 6.04
N SER A 230 21.62 3.07 6.91
CA SER A 230 22.76 3.28 7.79
C SER A 230 24.05 3.33 6.97
N SER A 231 24.88 4.35 7.23
CA SER A 231 26.15 4.51 6.55
C SER A 231 27.30 3.83 7.28
N ARG A 232 27.02 3.20 8.41
CA ARG A 232 28.01 2.50 9.21
C ARG A 232 27.24 1.65 10.20
N ASP A 233 27.95 0.77 10.89
CA ASP A 233 27.31 0.00 11.95
C ASP A 233 26.85 0.93 13.06
N ILE A 234 25.62 0.74 13.52
CA ILE A 234 25.02 1.56 14.56
C ILE A 234 24.80 0.68 15.78
N ARG A 235 25.19 1.18 16.95
CA ARG A 235 25.08 0.41 18.17
C ARG A 235 23.78 0.74 18.89
N THR A 236 23.27 -0.24 19.64
CA THR A 236 22.07 -0.05 20.45
C THR A 236 22.20 1.20 21.31
N GLY A 237 21.14 2.00 21.34
CA GLY A 237 21.14 3.23 22.08
C GLY A 237 21.60 4.44 21.32
N GLU A 238 22.23 4.27 20.16
CA GLU A 238 22.77 5.42 19.43
C GLU A 238 21.67 6.21 18.74
N GLU A 239 21.74 7.53 18.87
CA GLU A 239 20.85 8.40 18.14
C GLU A 239 21.12 8.31 16.63
N LEU A 240 20.06 8.24 15.86
CA LEU A 240 20.18 8.35 14.41
C LEU A 240 20.21 9.82 14.01
N GLY A 241 21.00 10.11 12.99
CA GLY A 241 21.03 11.46 12.44
C GLY A 241 21.64 11.43 11.06
N PHE A 242 21.26 12.42 10.24
CA PHE A 242 21.90 12.59 8.95
C PHE A 242 22.41 14.02 8.85
N ASP A 243 23.30 14.24 7.88
CA ASP A 243 23.77 15.57 7.57
C ASP A 243 22.64 16.35 6.90
N TYR A 244 22.09 17.34 7.62
CA TYR A 244 21.05 18.18 7.03
C TYR A 244 21.55 18.98 5.84
N GLY A 245 22.87 19.17 5.72
CA GLY A 245 23.43 19.91 4.60
C GLY A 245 23.89 21.30 4.99
N ASP A 246 24.98 21.77 4.37
CA ASP A 246 25.49 23.11 4.67
C ASP A 246 24.44 24.18 4.39
N ARG A 247 23.57 23.95 3.41
CA ARG A 247 22.56 24.96 3.07
C ARG A 247 21.59 25.17 4.23
N PHE A 248 21.23 24.09 4.93
CA PHE A 248 20.31 24.24 6.07
C PHE A 248 20.91 25.13 7.14
N TRP A 249 22.17 24.91 7.47
CA TRP A 249 22.79 25.64 8.57
C TRP A 249 23.15 27.05 8.16
N ASP A 250 23.66 27.24 6.93
CA ASP A 250 23.90 28.59 6.43
C ASP A 250 22.64 29.45 6.50
N ILE A 251 21.48 28.83 6.56
CA ILE A 251 20.23 29.56 6.81
C ILE A 251 19.89 29.58 8.30
N LYS A 252 20.03 28.43 8.97
CA LYS A 252 19.55 28.29 10.35
C LYS A 252 20.58 28.72 11.40
N SER A 253 21.88 28.58 11.13
CA SER A 253 22.87 28.99 12.13
C SER A 253 22.74 30.46 12.49
N LYS A 254 22.18 31.25 11.56
CA LYS A 254 21.74 32.61 11.85
C LYS A 254 20.79 32.67 13.04
N TYR A 255 20.22 31.54 13.46
CA TYR A 255 19.25 31.49 14.55
C TYR A 255 19.67 30.60 15.71
N PHE A 256 20.34 29.48 15.46
CA PHE A 256 20.78 28.60 16.54
C PHE A 256 21.94 27.75 16.04
N THR A 257 22.66 27.15 16.98
CA THR A 257 23.88 26.41 16.70
C THR A 257 23.67 24.91 16.90
N CYS A 258 24.62 24.12 16.43
CA CYS A 258 24.46 22.67 16.44
C CYS A 258 24.84 22.08 17.79
N GLN A 259 23.99 21.19 18.29
CA GLN A 259 24.17 20.59 19.62
C GLN A 259 24.61 19.13 19.53
N CYS A 260 24.99 18.64 18.35
CA CYS A 260 25.38 17.24 18.23
C CYS A 260 26.51 16.90 19.18
N GLY A 261 27.40 17.85 19.46
CA GLY A 261 28.42 17.63 20.45
C GLY A 261 29.55 16.72 20.00
N SER A 262 29.67 16.46 18.70
CA SER A 262 30.77 15.66 18.20
C SER A 262 32.05 16.47 18.13
N GLU A 263 33.19 15.80 18.29
CA GLU A 263 34.47 16.45 18.12
C GLU A 263 34.59 17.06 16.72
N LYS A 264 33.92 16.46 15.74
CA LYS A 264 33.93 16.96 14.37
C LYS A 264 32.73 17.83 14.05
N CYS A 265 32.19 18.55 15.03
CA CYS A 265 31.06 19.43 14.78
C CYS A 265 31.48 20.58 13.86
N LYS A 266 30.65 20.86 12.86
CA LYS A 266 30.93 21.91 11.90
C LYS A 266 30.07 23.15 12.11
N HIS A 267 29.06 23.08 12.98
CA HIS A 267 28.12 24.18 13.16
C HIS A 267 27.95 24.56 14.63
N SER A 268 28.92 24.23 15.47
CA SER A 268 28.87 24.63 16.87
C SER A 268 29.18 26.11 17.00
N ALA A 269 28.88 26.65 18.18
CA ALA A 269 29.39 27.97 18.54
C ALA A 269 30.90 27.92 18.74
N GLU A 270 31.39 26.82 19.31
CA GLU A 270 32.83 26.66 19.50
C GLU A 270 33.57 26.71 18.16
N ALA A 271 32.98 26.14 17.11
CA ALA A 271 33.59 26.13 15.79
C ALA A 271 33.16 27.30 14.92
N ILE A 272 32.12 28.05 15.31
CA ILE A 272 31.68 29.19 14.50
C ILE A 272 32.61 30.39 14.64
N ALA A 273 33.47 30.42 15.66
CA ALA A 273 34.43 31.51 15.82
C ALA A 273 35.77 31.21 15.17
N LEU A 274 35.97 29.99 14.67
CA LEU A 274 37.23 29.59 14.07
C LEU A 274 37.43 30.17 12.67
N GLU A 275 36.36 30.47 11.96
CA GLU A 275 36.45 31.00 10.60
C GLU A 275 35.74 32.33 10.44
N ARG B 7 -7.37 -39.24 -14.24
CA ARG B 7 -6.55 -38.06 -14.48
C ARG B 7 -6.22 -37.32 -13.19
N THR B 8 -4.93 -37.20 -12.89
CA THR B 8 -4.48 -36.53 -11.68
C THR B 8 -4.76 -35.03 -11.76
N GLU B 9 -4.83 -34.40 -10.58
CA GLU B 9 -5.08 -32.97 -10.47
C GLU B 9 -3.74 -32.25 -10.27
N LYS B 10 -3.15 -31.82 -11.37
CA LYS B 10 -1.78 -31.31 -11.38
C LYS B 10 -1.74 -29.90 -10.81
N ILE B 11 -0.92 -29.69 -9.78
CA ILE B 11 -0.57 -28.35 -9.31
C ILE B 11 0.33 -27.73 -10.37
N ILE B 12 -0.15 -26.68 -11.04
CA ILE B 12 0.59 -26.10 -12.16
C ILE B 12 1.12 -24.70 -11.85
N CYS B 13 0.73 -24.09 -10.75
CA CYS B 13 1.36 -22.85 -10.28
C CYS B 13 1.14 -22.78 -8.78
N ARG B 14 2.24 -22.56 -8.04
CA ARG B 14 2.16 -22.48 -6.59
C ARG B 14 1.42 -21.23 -6.13
N ASP B 15 1.56 -20.12 -6.86
CA ASP B 15 0.87 -18.89 -6.50
C ASP B 15 0.74 -18.00 -7.73
N VAL B 16 -0.48 -17.88 -8.26
CA VAL B 16 -0.66 -17.03 -9.44
C VAL B 16 -0.52 -15.56 -9.09
N ALA B 17 -0.53 -15.22 -7.81
CA ALA B 17 -0.35 -13.85 -7.37
C ALA B 17 1.11 -13.49 -7.14
N ARG B 18 2.05 -14.42 -7.38
CA ARG B 18 3.48 -14.11 -7.27
C ARG B 18 3.83 -13.48 -5.92
N GLY B 19 3.13 -13.90 -4.86
CA GLY B 19 3.45 -13.42 -3.53
C GLY B 19 2.86 -12.06 -3.18
N TYR B 20 2.02 -11.50 -4.03
CA TYR B 20 1.45 -10.18 -3.75
C TYR B 20 0.27 -10.21 -2.79
N GLU B 21 -0.33 -11.38 -2.51
CA GLU B 21 -1.41 -11.43 -1.55
C GLU B 21 -0.88 -11.90 -0.19
N ASN B 22 -1.72 -11.76 0.84
CA ASN B 22 -1.35 -12.28 2.16
C ASN B 22 -1.10 -13.77 2.11
N VAL B 23 -1.80 -14.49 1.24
CA VAL B 23 -1.69 -15.94 1.15
C VAL B 23 -1.51 -16.33 -0.32
N PRO B 24 -0.91 -17.47 -0.60
CA PRO B 24 -0.76 -17.88 -2.00
C PRO B 24 -2.10 -18.30 -2.56
N ILE B 25 -2.21 -18.21 -3.89
CA ILE B 25 -3.38 -18.71 -4.61
C ILE B 25 -2.92 -19.74 -5.64
N PRO B 26 -2.85 -21.02 -5.28
CA PRO B 26 -2.37 -22.02 -6.25
C PRO B 26 -3.36 -22.23 -7.37
N CYS B 27 -2.87 -22.87 -8.44
CA CYS B 27 -3.70 -23.23 -9.58
C CYS B 27 -3.49 -24.71 -9.85
N VAL B 28 -4.59 -25.44 -10.05
CA VAL B 28 -4.54 -26.84 -10.43
C VAL B 28 -5.47 -27.06 -11.60
N ASN B 29 -5.26 -28.16 -12.32
CA ASN B 29 -6.15 -28.52 -13.41
C ASN B 29 -6.18 -30.04 -13.46
N GLY B 30 -7.34 -30.62 -13.12
CA GLY B 30 -7.49 -32.06 -13.20
C GLY B 30 -8.54 -32.46 -14.24
N VAL B 31 -8.79 -31.57 -15.20
CA VAL B 31 -9.90 -31.71 -16.13
C VAL B 31 -9.44 -31.86 -17.56
N ASP B 32 -8.56 -30.97 -18.02
CA ASP B 32 -8.08 -31.02 -19.41
C ASP B 32 -6.62 -30.58 -19.43
N GLY B 33 -6.12 -30.31 -20.61
CA GLY B 33 -4.72 -29.99 -20.84
C GLY B 33 -4.39 -28.51 -20.87
N GLU B 34 -5.32 -27.64 -20.43
CA GLU B 34 -5.11 -26.22 -20.54
C GLU B 34 -3.99 -25.77 -19.61
N PRO B 35 -2.98 -25.07 -20.11
CA PRO B 35 -1.91 -24.60 -19.23
C PRO B 35 -2.39 -23.47 -18.32
N CYS B 36 -1.55 -23.13 -17.34
CA CYS B 36 -1.92 -22.08 -16.38
C CYS B 36 -2.13 -20.77 -17.14
N PRO B 37 -3.25 -20.08 -16.94
CA PRO B 37 -3.51 -18.87 -17.75
C PRO B 37 -2.41 -17.82 -17.57
N GLU B 38 -1.95 -17.29 -18.70
CA GLU B 38 -0.91 -16.27 -18.70
C GLU B 38 -1.18 -15.20 -19.75
N ASP B 39 -2.41 -15.08 -20.23
CA ASP B 39 -2.79 -14.03 -21.17
C ASP B 39 -3.31 -12.78 -20.47
N TYR B 40 -2.81 -12.50 -19.27
CA TYR B 40 -3.16 -11.32 -18.51
C TYR B 40 -2.01 -11.07 -17.55
N LYS B 41 -2.01 -9.90 -16.93
CA LYS B 41 -1.01 -9.55 -15.93
C LYS B 41 -1.70 -9.54 -14.56
N TYR B 42 -1.26 -10.41 -13.65
CA TYR B 42 -1.81 -10.42 -12.31
C TYR B 42 -1.36 -9.16 -11.57
N ILE B 43 -2.32 -8.42 -11.04
CA ILE B 43 -2.06 -7.28 -10.15
C ILE B 43 -2.93 -7.43 -8.91
N SER B 44 -2.38 -7.04 -7.77
CA SER B 44 -3.13 -7.15 -6.52
C SER B 44 -3.96 -5.91 -6.21
N GLU B 45 -3.63 -4.76 -6.80
CA GLU B 45 -4.38 -3.53 -6.62
C GLU B 45 -4.69 -2.91 -7.98
N ASN B 46 -5.76 -2.12 -8.04
CA ASN B 46 -6.21 -1.53 -9.29
C ASN B 46 -5.11 -0.67 -9.93
N CYS B 47 -5.11 -0.62 -11.25
CA CYS B 47 -4.14 0.14 -12.00
C CYS B 47 -4.84 1.09 -12.95
N GLU B 48 -4.08 2.04 -13.48
CA GLU B 48 -4.59 2.90 -14.54
C GLU B 48 -3.65 2.87 -15.72
N THR B 49 -4.24 3.01 -16.91
CA THR B 49 -3.49 3.08 -18.17
C THR B 49 -3.77 4.38 -18.91
N SER B 50 -4.46 5.32 -18.26
CA SER B 50 -4.57 6.71 -18.72
C SER B 50 -4.74 7.56 -17.47
N THR B 51 -4.78 8.88 -17.67
CA THR B 51 -4.88 9.78 -16.53
C THR B 51 -6.23 9.60 -15.84
N MET B 52 -6.21 9.01 -14.65
CA MET B 52 -7.38 9.00 -13.77
C MET B 52 -7.27 10.03 -12.66
N ASN B 53 -6.07 10.21 -12.10
CA ASN B 53 -5.81 11.21 -11.06
C ASN B 53 -6.84 11.09 -9.93
N ILE B 54 -6.82 9.94 -9.27
CA ILE B 54 -7.70 9.70 -8.12
C ILE B 54 -7.45 10.78 -7.08
N ASP B 55 -8.53 11.36 -6.56
CA ASP B 55 -8.47 12.39 -5.51
C ASP B 55 -7.99 11.73 -4.23
N ARG B 56 -6.74 11.97 -3.86
CA ARG B 56 -6.17 11.43 -2.62
C ARG B 56 -5.86 12.51 -1.60
N ASN B 57 -6.47 13.69 -1.74
CA ASN B 57 -6.26 14.78 -0.78
C ASN B 57 -6.67 14.33 0.61
N ILE B 58 -5.69 14.16 1.51
CA ILE B 58 -5.97 13.68 2.85
C ILE B 58 -6.86 14.63 3.65
N THR B 59 -6.87 15.92 3.33
CA THR B 59 -7.81 16.82 3.98
C THR B 59 -9.24 16.67 3.46
N HIS B 60 -9.43 16.00 2.33
CA HIS B 60 -10.77 15.76 1.81
C HIS B 60 -11.43 14.53 2.40
N LEU B 61 -10.70 13.72 3.15
CA LEU B 61 -11.26 12.48 3.69
C LEU B 61 -12.18 12.77 4.88
N GLN B 62 -13.37 12.20 4.86
CA GLN B 62 -14.15 12.08 6.08
C GLN B 62 -13.53 10.99 6.95
N HIS B 63 -13.45 11.25 8.25
CA HIS B 63 -12.70 10.36 9.14
C HIS B 63 -13.30 10.49 10.53
N CYS B 64 -12.92 9.55 11.39
CA CYS B 64 -13.49 9.49 12.73
C CYS B 64 -12.49 10.00 13.76
N THR B 65 -12.98 10.26 14.97
CA THR B 65 -12.14 10.73 16.07
C THR B 65 -12.01 9.70 17.18
N CYS B 66 -12.37 8.45 16.91
CA CYS B 66 -12.45 7.40 17.91
C CYS B 66 -11.13 7.19 18.65
N VAL B 67 -11.22 7.02 19.97
CA VAL B 67 -10.06 6.60 20.76
C VAL B 67 -10.17 5.14 21.21
N ASP B 68 -11.22 4.43 20.79
CA ASP B 68 -11.34 3.00 21.01
C ASP B 68 -11.01 2.25 19.72
N ASP B 69 -11.54 1.04 19.57
CA ASP B 69 -11.33 0.23 18.37
C ASP B 69 -12.40 0.47 17.31
N CYS B 70 -13.11 1.60 17.38
CA CYS B 70 -14.16 1.95 16.41
C CYS B 70 -15.29 0.91 16.40
N SER B 71 -15.51 0.26 17.53
CA SER B 71 -16.65 -0.64 17.68
C SER B 71 -17.93 0.06 18.13
N SER B 72 -17.86 1.35 18.47
CA SER B 72 -19.06 2.02 18.95
C SER B 72 -19.85 2.62 17.79
N SER B 73 -21.14 2.84 18.02
CA SER B 73 -22.00 3.44 17.01
C SER B 73 -21.71 4.92 16.78
N ASN B 74 -20.83 5.52 17.59
CA ASN B 74 -20.45 6.92 17.46
C ASN B 74 -19.32 7.11 16.44
N CYS B 75 -18.77 6.04 15.89
CA CYS B 75 -17.73 6.16 14.87
C CYS B 75 -18.32 6.83 13.62
N LEU B 76 -17.72 7.94 13.19
CA LEU B 76 -18.25 8.62 12.00
C LEU B 76 -18.12 7.73 10.77
N CYS B 77 -17.03 6.97 10.65
CA CYS B 77 -16.88 6.12 9.48
C CYS B 77 -17.99 5.08 9.43
N GLY B 78 -18.31 4.47 10.58
CA GLY B 78 -19.43 3.55 10.63
C GLY B 78 -20.75 4.20 10.26
N GLN B 79 -20.97 5.44 10.71
CA GLN B 79 -22.24 6.12 10.45
C GLN B 79 -22.39 6.43 8.96
N LEU B 80 -21.29 6.73 8.28
CA LEU B 80 -21.35 6.94 6.84
C LEU B 80 -21.76 5.66 6.12
N SER B 81 -21.48 4.51 6.72
CA SER B 81 -21.91 3.20 6.25
C SER B 81 -23.28 2.80 6.80
N ILE B 82 -24.04 3.78 7.33
CA ILE B 82 -25.27 3.58 8.12
C ILE B 82 -24.89 3.09 9.52
N ARG B 83 -24.09 2.02 9.58
CA ARG B 83 -23.44 1.56 10.79
C ARG B 83 -22.26 0.72 10.33
N CYS B 84 -21.32 0.46 11.22
CA CYS B 84 -20.27 -0.49 10.88
C CYS B 84 -20.88 -1.88 10.81
N TRP B 85 -20.75 -2.54 9.67
CA TRP B 85 -21.39 -3.81 9.47
C TRP B 85 -20.50 -4.99 9.82
N TYR B 86 -19.29 -4.73 10.30
CA TYR B 86 -18.36 -5.78 10.65
C TYR B 86 -18.54 -6.17 12.13
N ASP B 87 -18.75 -7.45 12.40
CA ASP B 87 -18.78 -7.93 13.78
C ASP B 87 -17.35 -7.93 14.33
N LYS B 88 -17.18 -8.51 15.51
CA LYS B 88 -15.88 -8.45 16.17
C LYS B 88 -14.81 -9.25 15.42
N ASP B 89 -15.22 -10.20 14.57
CA ASP B 89 -14.32 -11.08 13.83
C ASP B 89 -14.06 -10.60 12.41
N GLY B 90 -14.54 -9.41 12.04
CA GLY B 90 -14.39 -8.91 10.70
C GLY B 90 -15.40 -9.42 9.70
N ARG B 91 -16.48 -10.04 10.15
CA ARG B 91 -17.49 -10.57 9.24
C ARG B 91 -18.70 -9.64 9.20
N LEU B 92 -19.39 -9.63 8.08
CA LEU B 92 -20.63 -8.87 7.98
C LEU B 92 -21.66 -9.45 8.94
N LEU B 93 -22.44 -8.57 9.56
CA LEU B 93 -23.52 -9.01 10.45
C LEU B 93 -24.54 -9.82 9.67
N GLN B 94 -25.25 -10.70 10.37
CA GLN B 94 -26.27 -11.52 9.72
C GLN B 94 -27.40 -10.67 9.14
N GLU B 95 -27.70 -9.53 9.77
CA GLU B 95 -28.74 -8.63 9.29
C GLU B 95 -28.27 -7.74 8.14
N PHE B 96 -27.04 -7.93 7.65
CA PHE B 96 -26.53 -7.17 6.53
C PHE B 96 -27.41 -7.40 5.30
N ASN B 97 -27.63 -6.33 4.52
CA ASN B 97 -28.48 -6.39 3.35
C ASN B 97 -27.67 -6.98 2.19
N LYS B 98 -27.87 -8.27 1.92
CA LYS B 98 -27.16 -8.95 0.85
C LYS B 98 -27.81 -8.76 -0.52
N ILE B 99 -28.95 -8.08 -0.59
CA ILE B 99 -29.63 -7.83 -1.86
C ILE B 99 -29.33 -6.42 -2.37
N GLU B 100 -29.35 -5.42 -1.49
CA GLU B 100 -29.00 -4.04 -1.83
C GLU B 100 -27.95 -3.57 -0.85
N PRO B 101 -26.70 -4.01 -1.01
CA PRO B 101 -25.65 -3.68 -0.04
C PRO B 101 -25.38 -2.18 -0.01
N PRO B 102 -25.18 -1.61 1.17
CA PRO B 102 -24.82 -0.20 1.27
C PRO B 102 -23.36 0.01 0.89
N LEU B 103 -23.01 1.28 0.69
CA LEU B 103 -21.61 1.67 0.59
C LEU B 103 -20.92 1.47 1.93
N ILE B 104 -19.75 0.85 1.92
CA ILE B 104 -18.95 0.71 3.13
C ILE B 104 -17.82 1.74 3.10
N PHE B 105 -17.76 2.57 4.13
CA PHE B 105 -16.65 3.50 4.36
C PHE B 105 -15.79 2.91 5.48
N GLU B 106 -14.63 2.37 5.14
CA GLU B 106 -13.74 1.91 6.18
C GLU B 106 -12.96 3.10 6.74
N CYS B 107 -12.27 2.86 7.86
CA CYS B 107 -11.39 3.90 8.40
C CYS B 107 -10.15 4.03 7.52
N ASN B 108 -9.47 5.16 7.66
CA ASN B 108 -8.46 5.55 6.69
C ASN B 108 -7.31 6.24 7.43
N GLN B 109 -6.35 6.74 6.68
CA GLN B 109 -5.14 7.33 7.25
C GLN B 109 -5.40 8.66 7.96
N ALA B 110 -6.58 9.26 7.79
CA ALA B 110 -6.90 10.48 8.51
C ALA B 110 -7.58 10.24 9.85
N CYS B 111 -8.21 9.07 10.04
CA CYS B 111 -8.84 8.73 11.31
C CYS B 111 -7.82 8.74 12.44
N SER B 112 -8.28 9.07 13.63
CA SER B 112 -7.42 9.01 14.81
C SER B 112 -7.20 7.59 15.32
N CYS B 113 -7.92 6.60 14.79
CA CYS B 113 -7.85 5.24 15.31
C CYS B 113 -6.62 4.50 14.79
N TRP B 114 -6.39 3.32 15.37
CA TRP B 114 -5.22 2.53 15.01
C TRP B 114 -5.49 1.69 13.76
N ARG B 115 -4.40 1.26 13.13
CA ARG B 115 -4.50 0.46 11.90
C ARG B 115 -5.26 -0.85 12.10
N ASN B 116 -5.42 -1.32 13.33
CA ASN B 116 -6.13 -2.56 13.57
C ASN B 116 -7.50 -2.35 14.21
N CYS B 117 -8.15 -1.22 13.94
CA CYS B 117 -9.48 -1.01 14.49
C CYS B 117 -10.48 -1.96 13.79
N LYS B 118 -11.70 -2.03 14.33
CA LYS B 118 -12.69 -2.97 13.81
C LYS B 118 -13.24 -2.59 12.43
N ASN B 119 -12.86 -1.47 11.82
CA ASN B 119 -13.49 -1.04 10.58
C ASN B 119 -12.50 -1.04 9.41
N ARG B 120 -11.74 -2.13 9.25
CA ARG B 120 -10.63 -2.15 8.28
C ARG B 120 -10.49 -3.53 7.62
N VAL B 121 -11.61 -4.21 7.37
CA VAL B 121 -11.57 -5.58 6.89
C VAL B 121 -11.01 -5.63 5.46
N VAL B 122 -11.61 -4.88 4.54
CA VAL B 122 -11.26 -5.03 3.13
C VAL B 122 -9.83 -4.54 2.88
N GLN B 123 -9.42 -3.49 3.57
CA GLN B 123 -8.08 -2.96 3.34
C GLN B 123 -7.00 -3.88 3.87
N SER B 124 -7.33 -4.87 4.70
CA SER B 124 -6.32 -5.79 5.21
C SER B 124 -6.09 -7.00 4.31
N GLY B 125 -6.89 -7.17 3.27
CA GLY B 125 -6.57 -8.13 2.23
C GLY B 125 -7.10 -9.54 2.47
N ILE B 126 -6.71 -10.43 1.56
CA ILE B 126 -7.24 -11.78 1.54
C ILE B 126 -6.75 -12.56 2.75
N LYS B 127 -7.66 -13.26 3.42
CA LYS B 127 -7.29 -14.14 4.52
C LYS B 127 -7.65 -15.60 4.31
N VAL B 128 -8.54 -15.93 3.37
CA VAL B 128 -8.96 -17.31 3.21
C VAL B 128 -8.10 -17.97 2.13
N ARG B 129 -8.04 -19.30 2.18
CA ARG B 129 -7.28 -20.07 1.22
C ARG B 129 -8.15 -20.32 0.00
N LEU B 130 -7.74 -19.78 -1.15
CA LEU B 130 -8.46 -19.92 -2.40
C LEU B 130 -7.60 -20.71 -3.38
N GLN B 131 -8.24 -21.20 -4.45
CA GLN B 131 -7.55 -21.97 -5.47
C GLN B 131 -8.16 -21.71 -6.84
N LEU B 132 -7.30 -21.41 -7.81
CA LEU B 132 -7.70 -21.33 -9.20
C LEU B 132 -7.73 -22.74 -9.77
N TYR B 133 -8.87 -23.20 -10.28
CA TYR B 133 -8.97 -24.57 -10.75
C TYR B 133 -9.73 -24.63 -12.08
N ARG B 134 -9.54 -25.75 -12.78
CA ARG B 134 -10.23 -25.99 -14.03
C ARG B 134 -11.59 -26.62 -13.73
N THR B 135 -12.66 -25.92 -14.12
CA THR B 135 -14.01 -26.46 -13.95
C THR B 135 -14.34 -27.41 -15.09
N ALA B 136 -15.52 -28.04 -15.00
CA ALA B 136 -15.96 -28.99 -16.02
C ALA B 136 -16.55 -28.28 -17.24
N LYS B 137 -17.27 -27.17 -17.04
CA LYS B 137 -18.03 -26.57 -18.14
C LYS B 137 -17.81 -25.08 -18.31
N MET B 138 -17.02 -24.42 -17.46
CA MET B 138 -16.96 -22.96 -17.46
C MET B 138 -15.53 -22.44 -17.58
N GLY B 139 -14.58 -23.27 -17.97
CA GLY B 139 -13.20 -22.83 -18.04
C GLY B 139 -12.59 -22.78 -16.65
N TRP B 140 -11.75 -21.79 -16.39
CA TRP B 140 -11.16 -21.63 -15.07
C TRP B 140 -12.18 -21.12 -14.08
N GLY B 141 -12.01 -21.50 -12.81
CA GLY B 141 -12.86 -21.05 -11.74
C GLY B 141 -12.04 -20.87 -10.47
N VAL B 142 -12.71 -20.40 -9.43
CA VAL B 142 -12.09 -20.18 -8.12
C VAL B 142 -12.90 -20.94 -7.08
N ARG B 143 -12.22 -21.72 -6.24
CA ARG B 143 -12.93 -22.43 -5.19
C ARG B 143 -12.21 -22.26 -3.86
N ALA B 144 -12.91 -22.63 -2.80
CA ALA B 144 -12.39 -22.49 -1.44
C ALA B 144 -11.61 -23.74 -1.05
N LEU B 145 -10.46 -23.53 -0.42
CA LEU B 145 -9.71 -24.62 0.18
C LEU B 145 -9.95 -24.75 1.67
N GLN B 146 -10.95 -24.04 2.20
CA GLN B 146 -11.33 -24.09 3.60
C GLN B 146 -12.82 -23.79 3.70
N THR B 147 -13.41 -24.13 4.84
CA THR B 147 -14.75 -23.66 5.13
C THR B 147 -14.69 -22.17 5.44
N ILE B 148 -15.68 -21.43 4.96
CA ILE B 148 -15.67 -19.98 5.06
C ILE B 148 -17.03 -19.59 5.65
N PRO B 149 -17.07 -19.06 6.87
CA PRO B 149 -18.38 -18.70 7.43
C PRO B 149 -19.01 -17.59 6.61
N GLN B 150 -20.34 -17.56 6.63
CA GLN B 150 -21.08 -16.45 6.04
C GLN B 150 -20.53 -15.11 6.53
N GLY B 151 -20.49 -14.13 5.64
CA GLY B 151 -20.06 -12.80 5.99
C GLY B 151 -18.57 -12.55 5.87
N THR B 152 -17.79 -13.54 5.46
CA THR B 152 -16.34 -13.39 5.42
C THR B 152 -15.91 -12.65 4.16
N PHE B 153 -14.93 -11.77 4.30
CA PHE B 153 -14.37 -11.13 3.11
C PHE B 153 -13.56 -12.14 2.32
N ILE B 154 -13.76 -12.17 1.01
CA ILE B 154 -13.11 -13.18 0.17
C ILE B 154 -11.94 -12.55 -0.55
N CYS B 155 -12.23 -11.57 -1.41
CA CYS B 155 -11.22 -10.92 -2.22
C CYS B 155 -11.89 -9.72 -2.89
N GLU B 156 -11.05 -8.88 -3.50
CA GLU B 156 -11.48 -7.68 -4.20
C GLU B 156 -11.52 -7.93 -5.71
N TYR B 157 -12.45 -7.28 -6.41
CA TYR B 157 -12.41 -7.29 -7.89
C TYR B 157 -11.42 -6.22 -8.32
N VAL B 158 -10.22 -6.65 -8.72
CA VAL B 158 -9.11 -5.76 -9.02
C VAL B 158 -8.86 -5.77 -10.52
N GLY B 159 -8.58 -4.60 -11.08
CA GLY B 159 -8.22 -4.51 -12.48
C GLY B 159 -7.85 -3.12 -12.95
N GLU B 160 -8.12 -2.87 -14.23
CA GLU B 160 -7.73 -1.63 -14.90
C GLU B 160 -8.89 -0.64 -14.81
N LEU B 161 -8.65 0.53 -14.22
CA LEU B 161 -9.67 1.57 -14.15
C LEU B 161 -9.83 2.24 -15.50
N ILE B 162 -11.05 2.23 -16.03
CA ILE B 162 -11.37 2.84 -17.32
C ILE B 162 -12.72 3.50 -17.25
N SER B 163 -12.97 4.44 -18.15
CA SER B 163 -14.23 5.15 -18.17
C SER B 163 -15.30 4.31 -18.87
N ASP B 164 -16.56 4.70 -18.66
CA ASP B 164 -17.64 4.00 -19.36
C ASP B 164 -17.47 4.10 -20.86
N ALA B 165 -16.98 5.25 -21.34
CA ALA B 165 -16.76 5.42 -22.78
C ALA B 165 -15.67 4.49 -23.30
N GLU B 166 -14.59 4.30 -22.53
CA GLU B 166 -13.55 3.37 -22.94
C GLU B 166 -14.05 1.93 -22.90
N ALA B 167 -14.88 1.59 -21.92
CA ALA B 167 -15.49 0.28 -21.88
C ALA B 167 -16.35 0.03 -23.12
N ASP B 168 -17.03 1.07 -23.61
CA ASP B 168 -17.88 0.92 -24.77
C ASP B 168 -17.10 0.62 -26.04
N VAL B 169 -15.82 1.01 -26.09
CA VAL B 169 -15.02 0.74 -27.29
C VAL B 169 -14.39 -0.64 -27.25
N ARG B 170 -14.21 -1.22 -26.08
CA ARG B 170 -13.46 -2.46 -25.95
C ARG B 170 -14.29 -3.67 -26.35
N GLU B 171 -13.62 -4.63 -26.99
CA GLU B 171 -14.28 -5.72 -27.69
C GLU B 171 -14.48 -6.98 -26.85
N ASP B 172 -13.85 -7.06 -25.66
CA ASP B 172 -14.02 -8.19 -24.76
C ASP B 172 -14.49 -7.66 -23.42
N ASP B 173 -15.78 -7.83 -23.12
CA ASP B 173 -16.34 -7.43 -21.84
C ASP B 173 -16.59 -8.61 -20.90
N SER B 174 -15.86 -9.71 -21.11
CA SER B 174 -15.95 -10.89 -20.23
C SER B 174 -15.32 -10.67 -18.87
N TYR B 175 -14.56 -9.58 -18.68
CA TYR B 175 -13.88 -9.30 -17.42
C TYR B 175 -14.15 -7.88 -16.96
N LEU B 176 -15.26 -7.31 -17.39
CA LEU B 176 -15.58 -5.90 -17.17
C LEU B 176 -16.59 -5.78 -16.04
N PHE B 177 -16.21 -5.07 -14.97
CA PHE B 177 -17.11 -4.83 -13.85
C PHE B 177 -17.51 -3.35 -13.83
N ASP B 178 -18.81 -3.11 -13.97
CA ASP B 178 -19.37 -1.76 -14.07
C ASP B 178 -19.63 -1.25 -12.66
N LEU B 179 -19.00 -0.13 -12.30
CA LEU B 179 -19.15 0.41 -10.95
C LEU B 179 -20.51 1.07 -10.72
N ASP B 180 -21.19 1.50 -11.78
CA ASP B 180 -22.58 1.98 -11.71
C ASP B 180 -22.70 3.17 -10.75
N ASN B 181 -21.82 4.16 -10.93
CA ASN B 181 -21.77 5.34 -10.06
C ASN B 181 -23.09 6.10 -10.04
N GLU B 185 -20.41 10.59 -13.34
CA GLU B 185 -19.72 9.92 -14.43
C GLU B 185 -19.33 8.49 -14.06
N VAL B 186 -19.76 7.53 -14.88
CA VAL B 186 -19.63 6.11 -14.56
C VAL B 186 -18.31 5.55 -15.06
N TYR B 187 -17.64 4.77 -14.21
CA TYR B 187 -16.35 4.16 -14.48
C TYR B 187 -16.46 2.66 -14.29
N CYS B 188 -15.46 1.94 -14.81
CA CYS B 188 -15.50 0.47 -14.77
C CYS B 188 -14.14 -0.05 -14.35
N ILE B 189 -14.13 -1.33 -13.94
CA ILE B 189 -12.90 -2.08 -13.70
C ILE B 189 -12.83 -3.18 -14.75
N ASP B 190 -11.83 -3.10 -15.62
CA ASP B 190 -11.65 -4.09 -16.68
C ASP B 190 -10.48 -4.97 -16.27
N ALA B 191 -10.76 -6.24 -16.01
CA ALA B 191 -9.73 -7.19 -15.63
C ALA B 191 -9.22 -8.02 -16.81
N ARG B 192 -9.51 -7.62 -18.05
CA ARG B 192 -9.10 -8.41 -19.21
C ARG B 192 -7.58 -8.48 -19.32
N TYR B 193 -6.90 -7.32 -19.25
CA TYR B 193 -5.47 -7.27 -19.44
C TYR B 193 -4.70 -7.26 -18.13
N TYR B 194 -5.22 -6.55 -17.13
CA TYR B 194 -4.69 -6.51 -15.77
C TYR B 194 -5.80 -6.91 -14.82
N GLY B 195 -5.54 -7.90 -13.97
CA GLY B 195 -6.55 -8.34 -13.03
C GLY B 195 -5.95 -9.17 -11.92
N ASN B 196 -6.81 -9.56 -10.97
CA ASN B 196 -6.43 -10.43 -9.87
C ASN B 196 -7.30 -11.68 -9.93
N ILE B 197 -7.29 -12.45 -8.83
CA ILE B 197 -7.97 -13.75 -8.79
C ILE B 197 -9.45 -13.62 -9.14
N SER B 198 -10.04 -12.45 -8.89
CA SER B 198 -11.48 -12.23 -9.11
C SER B 198 -11.90 -12.31 -10.57
N ARG B 199 -10.98 -12.10 -11.52
CA ARG B 199 -11.36 -12.22 -12.92
C ARG B 199 -11.75 -13.64 -13.30
N PHE B 200 -11.41 -14.63 -12.46
CA PHE B 200 -11.69 -16.02 -12.76
C PHE B 200 -12.92 -16.55 -12.04
N ILE B 201 -13.58 -15.72 -11.25
CA ILE B 201 -14.79 -16.14 -10.53
C ILE B 201 -15.96 -16.14 -11.49
N ASN B 202 -16.69 -17.24 -11.53
CA ASN B 202 -17.74 -17.43 -12.53
C ASN B 202 -19.09 -16.91 -12.02
N HIS B 203 -20.04 -16.90 -12.93
CA HIS B 203 -21.42 -16.60 -12.58
C HIS B 203 -22.12 -17.84 -12.03
N LEU B 204 -22.88 -17.65 -10.96
CA LEU B 204 -23.73 -18.70 -10.42
C LEU B 204 -25.12 -18.14 -10.20
N CYS B 205 -26.14 -18.87 -10.67
CA CYS B 205 -27.52 -18.48 -10.41
C CYS B 205 -27.90 -18.74 -8.95
N ASP B 206 -27.11 -19.55 -8.25
CA ASP B 206 -27.21 -19.72 -6.80
C ASP B 206 -25.89 -19.23 -6.20
N PRO B 207 -25.65 -17.92 -6.21
CA PRO B 207 -24.35 -17.40 -5.78
C PRO B 207 -24.09 -17.66 -4.31
N ASN B 208 -22.81 -17.64 -3.94
CA ASN B 208 -22.43 -17.71 -2.54
C ASN B 208 -21.55 -16.55 -2.10
N ILE B 209 -21.30 -15.58 -2.97
CA ILE B 209 -20.61 -14.34 -2.62
C ILE B 209 -21.36 -13.19 -3.26
N ILE B 210 -21.21 -12.01 -2.67
CA ILE B 210 -21.84 -10.79 -3.19
C ILE B 210 -20.80 -9.68 -3.33
N PRO B 211 -20.92 -8.81 -4.33
CA PRO B 211 -20.05 -7.64 -4.40
C PRO B 211 -20.59 -6.53 -3.52
N VAL B 212 -19.68 -5.80 -2.87
CA VAL B 212 -20.04 -4.65 -2.03
C VAL B 212 -19.09 -3.51 -2.35
N ARG B 213 -19.64 -2.31 -2.52
CA ARG B 213 -18.80 -1.16 -2.80
C ARG B 213 -18.21 -0.57 -1.52
N VAL B 214 -16.92 -0.26 -1.55
CA VAL B 214 -16.14 0.09 -0.36
C VAL B 214 -15.23 1.26 -0.67
N PHE B 215 -15.12 2.20 0.28
CA PHE B 215 -14.09 3.21 0.23
C PHE B 215 -13.10 2.99 1.37
N MET B 216 -11.82 3.17 1.06
CA MET B 216 -10.77 2.97 2.06
C MET B 216 -9.84 4.17 2.14
N LEU B 217 -8.74 4.16 1.37
CA LEU B 217 -7.72 5.18 1.51
C LEU B 217 -7.96 6.40 0.64
N HIS B 218 -9.09 6.46 -0.05
CA HIS B 218 -9.53 7.63 -0.77
C HIS B 218 -11.05 7.57 -0.77
N GLN B 219 -11.68 8.72 -0.98
CA GLN B 219 -13.14 8.76 -1.08
C GLN B 219 -13.55 9.46 -2.38
N ASP B 220 -12.77 9.26 -3.43
CA ASP B 220 -13.11 9.69 -4.78
C ASP B 220 -14.30 8.85 -5.25
N LEU B 221 -15.48 9.46 -5.30
CA LEU B 221 -16.67 8.65 -5.59
C LEU B 221 -16.73 8.16 -7.04
N ARG B 222 -15.75 8.50 -7.89
CA ARG B 222 -15.67 7.84 -9.18
C ARG B 222 -15.23 6.39 -9.05
N PHE B 223 -14.51 6.06 -7.98
CA PHE B 223 -13.79 4.80 -7.89
C PHE B 223 -14.08 4.06 -6.58
N PRO B 224 -15.32 3.66 -6.37
CA PRO B 224 -15.58 2.64 -5.34
C PRO B 224 -14.80 1.39 -5.68
N ARG B 225 -14.40 0.67 -4.64
CA ARG B 225 -13.71 -0.60 -4.78
C ARG B 225 -14.68 -1.73 -4.46
N ILE B 226 -14.51 -2.85 -5.14
CA ILE B 226 -15.48 -3.95 -5.13
C ILE B 226 -14.92 -5.05 -4.23
N ALA B 227 -15.62 -5.33 -3.14
CA ALA B 227 -15.24 -6.35 -2.17
C ALA B 227 -16.27 -7.46 -2.22
N PHE B 228 -15.80 -8.71 -2.38
CA PHE B 228 -16.69 -9.86 -2.34
C PHE B 228 -16.72 -10.45 -0.93
N PHE B 229 -17.93 -10.68 -0.42
CA PHE B 229 -18.14 -11.35 0.86
C PHE B 229 -19.01 -12.57 0.64
N SER B 230 -18.78 -13.60 1.45
CA SER B 230 -19.61 -14.79 1.36
C SER B 230 -21.01 -14.48 1.86
N SER B 231 -22.01 -14.89 1.09
CA SER B 231 -23.41 -14.66 1.45
C SER B 231 -24.00 -15.82 2.24
N ARG B 232 -23.21 -16.86 2.46
CA ARG B 232 -23.62 -17.98 3.29
CA ARG B 232 -23.62 -17.99 3.28
C ARG B 232 -22.36 -18.74 3.67
N ASP B 233 -22.52 -19.74 4.53
CA ASP B 233 -21.39 -20.61 4.82
C ASP B 233 -21.00 -21.35 3.55
N ILE B 234 -19.69 -21.45 3.32
CA ILE B 234 -19.16 -22.11 2.12
C ILE B 234 -18.31 -23.29 2.57
N ARG B 235 -18.54 -24.44 1.96
CA ARG B 235 -17.82 -25.66 2.29
C ARG B 235 -16.50 -25.75 1.52
N THR B 236 -15.54 -26.47 2.09
CA THR B 236 -14.26 -26.67 1.43
C THR B 236 -14.47 -27.33 0.07
N GLY B 237 -13.82 -26.81 -0.96
CA GLY B 237 -13.94 -27.34 -2.30
C GLY B 237 -15.04 -26.73 -3.13
N GLU B 238 -15.87 -25.89 -2.52
CA GLU B 238 -17.00 -25.28 -3.23
C GLU B 238 -16.50 -24.16 -4.16
N GLU B 239 -17.02 -24.15 -5.39
CA GLU B 239 -16.71 -23.05 -6.28
C GLU B 239 -17.35 -21.76 -5.77
N LEU B 240 -16.59 -20.68 -5.81
CA LEU B 240 -17.11 -19.35 -5.54
C LEU B 240 -17.75 -18.75 -6.78
N GLY B 241 -18.89 -18.08 -6.60
CA GLY B 241 -19.53 -17.40 -7.70
C GLY B 241 -20.49 -16.33 -7.21
N PHE B 242 -20.68 -15.30 -8.04
CA PHE B 242 -21.65 -14.26 -7.78
C PHE B 242 -22.56 -14.09 -9.00
N ASP B 243 -23.66 -13.37 -8.79
CA ASP B 243 -24.61 -13.10 -9.85
C ASP B 243 -24.08 -11.98 -10.73
N TYR B 244 -23.64 -12.32 -11.95
CA TYR B 244 -23.14 -11.33 -12.88
C TYR B 244 -24.18 -10.28 -13.23
N GLY B 245 -25.46 -10.61 -13.10
CA GLY B 245 -26.51 -9.66 -13.33
C GLY B 245 -27.16 -9.84 -14.69
N ASP B 246 -28.40 -9.35 -14.80
CA ASP B 246 -29.19 -9.60 -16.00
C ASP B 246 -28.62 -8.88 -17.21
N ARG B 247 -28.14 -7.64 -17.02
CA ARG B 247 -27.60 -6.89 -18.15
C ARG B 247 -26.48 -7.66 -18.85
N PHE B 248 -25.66 -8.37 -18.07
CA PHE B 248 -24.63 -9.22 -18.65
C PHE B 248 -25.25 -10.30 -19.52
N TRP B 249 -26.18 -11.07 -18.97
CA TRP B 249 -26.73 -12.21 -19.71
C TRP B 249 -27.64 -11.76 -20.85
N ASP B 250 -28.23 -10.57 -20.76
CA ASP B 250 -29.02 -10.07 -21.88
C ASP B 250 -28.14 -9.85 -23.11
N ILE B 251 -26.92 -9.33 -22.89
CA ILE B 251 -25.97 -9.15 -23.98
C ILE B 251 -25.33 -10.47 -24.39
N LYS B 252 -24.84 -11.22 -23.41
CA LYS B 252 -24.14 -12.48 -23.67
C LYS B 252 -25.06 -13.62 -24.09
N SER B 253 -26.38 -13.44 -23.99
CA SER B 253 -27.30 -14.48 -24.44
C SER B 253 -27.08 -14.83 -25.90
N LYS B 254 -26.79 -13.83 -26.73
CA LYS B 254 -26.59 -14.03 -28.16
C LYS B 254 -25.32 -14.84 -28.48
N TYR B 255 -24.58 -15.28 -27.47
CA TYR B 255 -23.33 -15.98 -27.71
C TYR B 255 -23.21 -17.28 -26.95
N PHE B 256 -23.72 -17.35 -25.72
CA PHE B 256 -23.63 -18.57 -24.92
C PHE B 256 -24.64 -18.50 -23.80
N THR B 257 -24.86 -19.65 -23.15
CA THR B 257 -25.85 -19.78 -22.10
C THR B 257 -25.20 -20.30 -20.82
N CYS B 258 -25.90 -20.13 -19.70
CA CYS B 258 -25.34 -20.43 -18.40
C CYS B 258 -25.27 -21.94 -18.14
N GLN B 259 -24.14 -22.38 -17.58
CA GLN B 259 -23.86 -23.78 -17.31
C GLN B 259 -23.73 -24.07 -15.82
N CYS B 260 -24.34 -23.25 -14.96
CA CYS B 260 -24.18 -23.44 -13.52
C CYS B 260 -24.84 -24.72 -13.03
N GLY B 261 -25.78 -25.28 -13.79
CA GLY B 261 -26.38 -26.54 -13.41
C GLY B 261 -27.23 -26.52 -12.15
N SER B 262 -27.57 -25.34 -11.64
CA SER B 262 -28.48 -25.24 -10.51
C SER B 262 -29.92 -25.44 -10.96
N GLU B 263 -30.72 -26.06 -10.08
CA GLU B 263 -32.12 -26.30 -10.40
C GLU B 263 -32.89 -25.02 -10.62
N LYS B 264 -32.38 -23.89 -10.13
CA LYS B 264 -32.97 -22.58 -10.35
C LYS B 264 -32.12 -21.71 -11.26
N CYS B 265 -31.39 -22.34 -12.17
CA CYS B 265 -30.62 -21.59 -13.16
C CYS B 265 -31.54 -20.68 -13.95
N LYS B 266 -31.10 -19.45 -14.16
CA LYS B 266 -31.91 -18.39 -14.73
C LYS B 266 -31.62 -18.15 -16.21
N HIS B 267 -30.51 -18.69 -16.73
CA HIS B 267 -30.02 -18.32 -18.05
C HIS B 267 -29.58 -19.52 -18.87
N SER B 268 -29.94 -20.74 -18.47
CA SER B 268 -29.63 -21.91 -19.26
C SER B 268 -30.44 -21.92 -20.54
N ALA B 269 -29.95 -22.66 -21.54
CA ALA B 269 -30.70 -22.85 -22.78
C ALA B 269 -32.14 -23.22 -22.49
N GLU B 270 -32.34 -24.27 -21.69
CA GLU B 270 -33.69 -24.67 -21.29
C GLU B 270 -34.44 -23.51 -20.68
N ALA B 271 -33.78 -22.72 -19.83
CA ALA B 271 -34.46 -21.61 -19.18
C ALA B 271 -34.86 -20.53 -20.19
N ILE B 272 -33.91 -20.10 -21.02
CA ILE B 272 -34.23 -19.06 -22.00
C ILE B 272 -35.24 -19.56 -23.02
N ALA B 273 -35.20 -20.85 -23.37
CA ALA B 273 -36.15 -21.39 -24.33
C ALA B 273 -37.58 -21.29 -23.82
N LEU B 274 -37.77 -21.46 -22.51
CA LEU B 274 -39.11 -21.37 -21.93
C LEU B 274 -39.68 -19.95 -21.99
N GLU B 275 -38.82 -18.95 -22.16
CA GLU B 275 -39.26 -17.57 -22.28
C GLU B 275 -39.92 -17.30 -23.63
ZN ZN C . 11.89 -5.57 -11.71
ZN ZN D . 12.28 -8.24 -8.95
ZN ZN E . 14.30 -8.35 -12.11
ZN ZN F . 27.38 19.36 15.16
N SFG G . 14.26 17.79 17.34
CA SFG G . 13.12 17.94 16.44
C SFG G . 11.87 17.87 17.27
O SFG G . 11.99 17.79 18.52
OXT SFG G . 10.77 17.91 16.70
CB SFG G . 13.12 16.87 15.33
CG SFG G . 14.07 17.19 14.18
CD SFG G . 13.65 18.39 13.31
NE SFG G . 13.31 17.93 11.97
C5' SFG G . 14.79 19.40 13.18
C4' SFG G . 14.78 20.41 14.34
O4' SFG G . 15.32 19.77 15.50
C3' SFG G . 15.68 21.62 14.09
O3' SFG G . 14.98 22.74 13.55
C2' SFG G . 16.17 21.92 15.48
O2' SFG G . 15.11 22.54 16.24
C1' SFG G . 16.39 20.55 16.07
N9 SFG G . 17.71 20.03 15.66
C8 SFG G . 17.96 19.07 14.75
N7 SFG G . 19.30 18.89 14.66
C5 SFG G . 19.89 19.72 15.54
C6 SFG G . 21.21 19.97 15.89
N6 SFG G . 22.22 19.29 15.29
N1 SFG G . 21.49 20.90 16.84
C2 SFG G . 20.51 21.58 17.42
N3 SFG G . 19.22 21.36 17.11
C4 SFG G . 18.88 20.43 16.16
C24 I6L H . 15.03 18.11 7.00
C27 I6L H . 20.07 16.41 3.61
C29 I6L H . 18.77 13.52 -1.13
C30 I6L H . 20.03 14.30 -3.09
C20 I6L H . 21.06 14.52 -0.83
C16 I6L H . 19.02 16.37 -0.12
C22 I6L H . 17.22 19.11 6.26
C21 I6L H . 20.96 14.93 0.64
C18 I6L H . 19.07 15.96 -1.57
C19 I6L H . 19.74 14.58 -1.63
C13 I6L H . 18.33 17.43 1.80
C8 I6L H . 16.91 20.72 4.40
C12 I6L H . 17.47 18.33 2.61
C10 I6L H . 16.85 19.29 4.78
N7 I6L H . 18.02 21.38 4.01
C5 I6L H . 16.25 22.77 3.99
C3 I6L H . 16.39 25.08 3.35
C4 I6L H . 15.64 23.99 3.79
C1 I6L H . 18.42 23.75 3.29
C14 I6L H . 19.47 16.57 2.24
C15 I6L H . 19.89 15.91 0.96
C2 I6L H . 17.76 24.95 3.11
C23 I6L H . 16.52 17.89 6.85
C25 I6L H . 14.74 19.22 7.98
C6 I6L H . 17.71 22.64 3.73
N11 I6L H . 17.67 18.45 3.92
N17 I6L H . 18.03 17.31 0.36
N9 I6L H . 15.84 21.56 4.40
O26 I6L H . 16.57 18.94 2.03
O28 I6L H . 21.74 14.50 1.49
C1 EDO I . 1.02 10.43 -2.49
O1 EDO I . 1.92 9.37 -2.88
C2 EDO I . -0.40 9.99 -2.82
O2 EDO I . -1.29 10.50 -1.83
ZN ZN J . -12.56 6.04 11.01
ZN ZN K . -11.23 3.09 12.95
ZN ZN L . -13.91 5.26 14.40
ZN ZN M . -27.38 -20.52 -14.29
N SFG N . -14.23 -18.78 -16.68
CA SFG N . -13.45 -17.59 -17.03
C SFG N . -12.07 -17.99 -17.46
O SFG N . -11.77 -19.20 -17.52
OXT SFG N . -11.28 -17.05 -17.73
CB SFG N . -13.36 -16.62 -15.85
CG SFG N . -14.69 -15.88 -15.63
CD SFG N . -14.92 -14.71 -16.59
NE SFG N . -14.94 -13.47 -15.82
C5' SFG N . -16.28 -14.84 -17.27
C4' SFG N . -16.30 -15.86 -18.41
O4' SFG N . -16.28 -17.20 -17.89
C3' SFG N . -17.57 -15.76 -19.23
O3' SFG N . -17.40 -14.91 -20.37
C2' SFG N . -17.84 -17.18 -19.62
O2' SFG N . -16.97 -17.53 -20.70
C1' SFG N . -17.36 -17.98 -18.42
N9 SFG N . -18.45 -18.13 -17.42
C8 SFG N . -18.51 -17.58 -16.19
N7 SFG N . -19.66 -17.95 -15.59
C5 SFG N . -20.32 -18.75 -16.45
C6 SFG N . -21.54 -19.43 -16.39
N6 SFG N . -22.33 -19.37 -15.30
N1 SFG N . -21.93 -20.16 -17.46
C2 SFG N . -21.16 -20.24 -18.56
N3 SFG N . -19.99 -19.60 -18.64
C4 SFG N . -19.55 -18.86 -17.60
C24 I6L O . -17.90 -9.35 -14.08
C27 I6L O . -22.71 -7.71 -10.69
C29 I6L O . -21.58 -3.05 -7.54
C30 I6L O . -23.49 -1.52 -7.49
C20 I6L O . -23.93 -3.95 -7.81
C16 I6L O . -22.59 -3.85 -10.30
C22 I6L O . -20.37 -9.15 -14.67
C21 I6L O . -23.66 -5.28 -8.52
C18 I6L O . -22.82 -2.51 -9.64
C19 I6L O . -22.96 -2.79 -8.13
C13 I6L O . -21.89 -5.39 -11.86
C8 I6L O . -21.00 -7.07 -15.84
C12 I6L O . -21.23 -5.83 -13.13
C10 I6L O . -20.42 -7.62 -14.58
N7 I6L O . -22.28 -6.74 -16.08
C5 I6L O . -21.03 -6.33 -17.92
C3 I6L O . -21.89 -5.44 -19.97
C4 I6L O . -20.81 -5.91 -19.23
C1 I6L O . -23.43 -5.80 -18.12
C14 I6L O . -22.54 -6.21 -10.79
C15 I6L O . -22.96 -5.18 -9.82
C2 I6L O . -23.18 -5.39 -19.42
C23 I6L O . -19.32 -9.78 -13.75
C25 I6L O . -17.45 -9.87 -15.43
C6 I6L O . -22.38 -6.27 -17.34
N11 I6L O . -21.09 -7.14 -13.38
N17 I6L O . -21.90 -3.95 -11.58
N9 I6L O . -20.24 -6.83 -16.95
O26 I6L O . -20.81 -4.97 -13.88
O28 I6L O . -24.02 -6.37 -8.09
C TRS P . -0.29 0.68 -0.40
C1 TRS P . 0.47 0.60 -1.71
C2 TRS P . -1.34 -0.44 -0.35
C3 TRS P . -0.99 2.03 -0.29
N TRS P . 0.64 0.53 0.73
O1 TRS P . -0.45 0.74 -2.78
O2 TRS P . -0.70 -1.70 -0.37
O3 TRS P . -1.72 2.03 0.91
C1 EDO Q . -9.29 2.82 -7.16
O1 EDO Q . -10.31 2.97 -6.17
C2 EDO Q . -7.95 2.49 -6.49
O2 EDO Q . -7.92 1.09 -6.20
C1 EDO R . -14.09 -26.57 -20.95
O1 EDO R . -14.25 -25.17 -21.21
C2 EDO R . -13.40 -26.75 -19.59
O2 EDO R . -14.12 -26.03 -18.58
#